data_1PYC
#
_entry.id   1PYC
#
_cell.length_a   1.000
_cell.length_b   1.000
_cell.length_c   1.000
_cell.angle_alpha   90.00
_cell.angle_beta   90.00
_cell.angle_gamma   90.00
#
_symmetry.space_group_name_H-M   'P 1'
#
loop_
_entity.id
_entity.type
_entity.pdbx_description
1 polymer CYP1
2 non-polymer 'ZINC ION'
#
_entity_poly.entity_id   1
_entity_poly.type   'polypeptide(L)'
_entity_poly.pdbx_seq_one_letter_code
;KRNRIPLSCTICRKRKVKCDKLRPHCQQCTKTGVAHLCHYMEQTWAEEAEKELLKDNELKKLRERVKSLEK
;
_entity_poly.pdbx_strand_id   A
#
loop_
_chem_comp.id
_chem_comp.type
_chem_comp.name
_chem_comp.formula
ZN non-polymer 'ZINC ION' 'Zn 2'
#
# COMPACT_ATOMS: atom_id res chain seq x y z
N ILE A 5 10.56 -2.83 11.37
CA ILE A 5 9.58 -1.87 10.84
C ILE A 5 8.41 -2.64 10.26
N PRO A 6 7.23 -2.07 10.14
CA PRO A 6 6.11 -2.73 9.52
C PRO A 6 6.26 -2.56 8.04
N LEU A 7 5.44 -3.31 7.28
CA LEU A 7 5.42 -3.24 5.85
C LEU A 7 4.61 -2.07 5.41
N SER A 8 4.64 -1.80 4.10
CA SER A 8 3.92 -0.71 3.53
C SER A 8 4.01 -0.96 2.07
N CYS A 9 2.99 -0.50 1.33
CA CYS A 9 2.91 -0.73 -0.07
C CYS A 9 3.68 0.34 -0.77
N THR A 10 3.91 0.13 -2.07
CA THR A 10 4.98 0.78 -2.79
C THR A 10 4.69 2.21 -3.10
N ILE A 11 3.41 2.62 -3.13
CA ILE A 11 3.05 3.99 -3.39
C ILE A 11 2.85 4.68 -2.09
N CYS A 12 2.34 3.95 -1.07
CA CYS A 12 2.05 4.51 0.24
C CYS A 12 3.30 4.93 0.96
N ARG A 13 4.44 4.28 0.68
CA ARG A 13 5.70 4.65 1.26
C ARG A 13 6.26 5.88 0.61
N LYS A 14 5.90 6.13 -0.69
CA LYS A 14 6.40 7.27 -1.43
C LYS A 14 5.70 8.53 -1.05
N ARG A 15 4.36 8.51 -0.83
CA ARG A 15 3.66 9.69 -0.40
C ARG A 15 3.93 9.89 1.06
N LYS A 16 4.10 8.76 1.78
CA LYS A 16 4.31 8.66 3.19
C LYS A 16 3.00 8.93 3.86
N VAL A 17 2.05 8.01 3.57
CA VAL A 17 0.76 7.97 4.14
C VAL A 17 0.78 6.64 4.82
N LYS A 18 -0.21 6.40 5.70
CA LYS A 18 -0.26 5.17 6.42
C LYS A 18 -0.88 4.14 5.57
N CYS A 19 -0.08 3.08 5.30
CA CYS A 19 -0.51 1.85 4.70
C CYS A 19 -1.43 1.11 5.62
N ASP A 20 -2.25 0.20 5.07
CA ASP A 20 -3.45 -0.20 5.77
C ASP A 20 -3.48 -1.67 5.86
N LYS A 21 -3.07 -2.34 4.77
CA LYS A 21 -3.03 -3.77 4.62
C LYS A 21 -4.43 -4.30 4.60
N LEU A 22 -5.32 -3.64 3.85
CA LEU A 22 -6.62 -4.19 3.61
C LEU A 22 -6.43 -5.04 2.40
N ARG A 23 -6.93 -6.29 2.44
CA ARG A 23 -6.88 -7.11 1.27
C ARG A 23 -8.11 -6.75 0.49
N PRO A 24 -8.13 -6.53 -0.81
CA PRO A 24 -7.03 -6.69 -1.73
C PRO A 24 -6.16 -5.46 -1.68
N HIS A 25 -6.73 -4.26 -1.91
CA HIS A 25 -5.98 -3.04 -1.97
C HIS A 25 -6.43 -2.20 -0.82
N CYS A 26 -5.55 -1.27 -0.38
CA CYS A 26 -5.75 -0.43 0.77
C CYS A 26 -6.79 0.61 0.58
N GLN A 27 -7.06 1.34 1.69
CA GLN A 27 -7.94 2.48 1.72
C GLN A 27 -7.37 3.64 0.97
N GLN A 28 -6.02 3.71 0.86
CA GLN A 28 -5.35 4.70 0.11
C GLN A 28 -5.58 4.50 -1.36
N CYS A 29 -5.14 3.35 -1.92
CA CYS A 29 -5.24 2.94 -3.28
C CYS A 29 -6.61 2.73 -3.82
N THR A 30 -7.65 2.56 -2.97
CA THR A 30 -9.01 2.57 -3.45
C THR A 30 -9.37 3.98 -3.83
N LYS A 31 -9.01 4.96 -2.98
CA LYS A 31 -9.41 6.33 -3.13
C LYS A 31 -8.69 7.06 -4.22
N THR A 32 -7.38 6.80 -4.45
CA THR A 32 -6.68 7.47 -5.50
C THR A 32 -6.88 6.67 -6.76
N GLY A 33 -7.02 5.34 -6.62
CA GLY A 33 -7.32 4.50 -7.74
C GLY A 33 -6.04 3.98 -8.28
N VAL A 34 -5.08 3.71 -7.36
CA VAL A 34 -3.83 3.12 -7.70
C VAL A 34 -3.80 1.74 -7.13
N ALA A 35 -4.93 1.00 -7.23
CA ALA A 35 -5.01 -0.33 -6.67
C ALA A 35 -4.14 -1.28 -7.44
N HIS A 36 -3.84 -0.90 -8.70
CA HIS A 36 -2.93 -1.56 -9.58
C HIS A 36 -1.54 -1.48 -9.09
N LEU A 37 -1.19 -0.35 -8.43
CA LEU A 37 0.14 -0.21 -7.88
C LEU A 37 0.20 -0.65 -6.47
N CYS A 38 -0.90 -1.25 -6.00
CA CYS A 38 -0.97 -1.68 -4.64
C CYS A 38 -0.39 -3.05 -4.50
N HIS A 39 0.85 -3.13 -3.99
CA HIS A 39 1.44 -4.38 -3.62
C HIS A 39 2.27 -4.09 -2.42
N TYR A 40 2.18 -4.94 -1.40
CA TYR A 40 2.92 -4.74 -0.18
C TYR A 40 4.24 -5.41 -0.41
N MET A 41 5.30 -4.87 0.23
CA MET A 41 6.63 -5.39 0.10
C MET A 41 6.72 -6.72 0.76
N GLU A 42 7.48 -7.63 0.15
CA GLU A 42 7.44 -9.01 0.56
C GLU A 42 8.36 -9.20 1.72
N GLN A 43 7.99 -10.15 2.60
CA GLN A 43 8.65 -10.35 3.85
C GLN A 43 9.52 -11.56 3.75
N THR A 44 9.59 -12.18 2.55
CA THR A 44 10.41 -13.34 2.33
C THR A 44 11.84 -12.92 2.18
N TRP A 45 12.09 -11.81 1.46
CA TRP A 45 13.41 -11.25 1.40
C TRP A 45 13.59 -10.40 2.66
ZN ZN B . -0.95 0.90 1.33
ZN ZN C . -1.85 0.17 -1.19
N ILE A 5 6.07 -4.29 10.83
CA ILE A 5 5.57 -5.69 10.78
C ILE A 5 4.34 -5.81 9.90
N PRO A 6 3.35 -4.93 9.97
CA PRO A 6 2.40 -4.76 8.91
C PRO A 6 3.17 -4.14 7.78
N LEU A 7 2.96 -4.64 6.55
CA LEU A 7 3.67 -4.13 5.40
C LEU A 7 3.02 -2.87 4.94
N SER A 8 3.84 -2.03 4.28
CA SER A 8 3.36 -0.84 3.66
C SER A 8 3.53 -1.06 2.21
N CYS A 9 2.71 -0.34 1.41
CA CYS A 9 2.80 -0.46 -0.02
C CYS A 9 3.78 0.56 -0.48
N THR A 10 4.19 0.43 -1.76
CA THR A 10 5.28 1.14 -2.35
C THR A 10 4.97 2.60 -2.51
N ILE A 11 3.69 2.94 -2.74
CA ILE A 11 3.25 4.31 -2.89
C ILE A 11 3.13 4.94 -1.55
N CYS A 12 2.64 4.21 -0.53
CA CYS A 12 2.45 4.75 0.79
C CYS A 12 3.75 4.96 1.50
N ARG A 13 4.82 4.24 1.10
CA ARG A 13 6.12 4.41 1.67
C ARG A 13 6.84 5.53 0.97
N LYS A 14 6.36 5.92 -0.23
CA LYS A 14 6.96 6.98 -1.00
C LYS A 14 6.53 8.30 -0.45
N ARG A 15 5.21 8.50 -0.24
CA ARG A 15 4.68 9.75 0.22
C ARG A 15 4.85 9.83 1.71
N LYS A 16 4.79 8.66 2.38
CA LYS A 16 4.79 8.50 3.80
C LYS A 16 3.46 8.95 4.32
N VAL A 17 2.47 8.08 4.03
CA VAL A 17 1.15 8.14 4.53
C VAL A 17 1.02 6.82 5.18
N LYS A 18 -0.08 6.63 5.93
CA LYS A 18 -0.31 5.40 6.65
C LYS A 18 -0.93 4.41 5.71
N CYS A 19 -0.20 3.30 5.44
CA CYS A 19 -0.72 2.17 4.73
C CYS A 19 -1.53 1.35 5.69
N ASP A 20 -2.38 0.45 5.14
CA ASP A 20 -3.48 -0.07 5.90
C ASP A 20 -3.32 -1.55 5.98
N LYS A 21 -2.93 -2.14 4.83
CA LYS A 21 -2.73 -3.56 4.66
C LYS A 21 -4.06 -4.24 4.67
N LEU A 22 -5.06 -3.65 3.98
CA LEU A 22 -6.34 -4.29 3.82
C LEU A 22 -6.22 -5.26 2.70
N ARG A 23 -7.09 -6.28 2.68
CA ARG A 23 -7.18 -7.15 1.54
C ARG A 23 -8.28 -6.59 0.69
N PRO A 24 -8.20 -6.58 -0.64
CA PRO A 24 -7.05 -6.84 -1.45
C PRO A 24 -6.16 -5.62 -1.40
N HIS A 25 -6.72 -4.41 -1.60
CA HIS A 25 -5.94 -3.21 -1.77
C HIS A 25 -6.32 -2.26 -0.69
N CYS A 26 -5.41 -1.30 -0.39
CA CYS A 26 -5.52 -0.47 0.78
C CYS A 26 -6.39 0.70 0.47
N GLN A 27 -6.84 1.40 1.54
CA GLN A 27 -7.78 2.50 1.50
C GLN A 27 -7.35 3.69 0.70
N GLN A 28 -6.02 3.93 0.59
CA GLN A 28 -5.48 4.98 -0.20
C GLN A 28 -5.69 4.73 -1.66
N CYS A 29 -5.17 3.59 -2.17
CA CYS A 29 -5.21 3.16 -3.52
C CYS A 29 -6.54 2.75 -4.07
N THR A 30 -7.53 2.43 -3.21
CA THR A 30 -8.86 2.12 -3.68
C THR A 30 -9.53 3.40 -4.08
N LYS A 31 -9.27 4.50 -3.33
CA LYS A 31 -9.86 5.77 -3.57
C LYS A 31 -9.18 6.47 -4.72
N THR A 32 -7.86 6.21 -4.90
CA THR A 32 -7.08 6.79 -5.96
C THR A 32 -7.47 6.18 -7.27
N GLY A 33 -7.40 4.83 -7.35
CA GLY A 33 -7.60 4.13 -8.59
C GLY A 33 -6.25 3.69 -9.06
N VAL A 34 -5.35 3.44 -8.09
CA VAL A 34 -4.03 2.90 -8.29
C VAL A 34 -4.12 1.63 -7.47
N ALA A 35 -5.28 0.95 -7.51
CA ALA A 35 -5.46 -0.23 -6.71
C ALA A 35 -4.71 -1.35 -7.33
N HIS A 36 -4.59 -1.27 -8.66
CA HIS A 36 -3.70 -2.07 -9.42
C HIS A 36 -2.27 -1.83 -9.10
N LEU A 37 -1.97 -0.58 -8.70
CA LEU A 37 -0.64 -0.15 -8.42
C LEU A 37 -0.32 -0.40 -6.99
N CYS A 38 -1.31 -0.98 -6.26
CA CYS A 38 -1.15 -1.28 -4.87
C CYS A 38 -0.59 -2.65 -4.74
N HIS A 39 0.67 -2.72 -4.25
CA HIS A 39 1.26 -3.99 -3.92
C HIS A 39 2.06 -3.74 -2.71
N TYR A 40 1.91 -4.60 -1.70
CA TYR A 40 2.65 -4.43 -0.49
C TYR A 40 3.84 -5.31 -0.59
N MET A 41 5.00 -4.70 -0.33
CA MET A 41 6.23 -5.40 -0.41
C MET A 41 7.22 -4.68 0.44
N GLU A 42 7.73 -5.39 1.46
CA GLU A 42 8.97 -5.02 2.07
C GLU A 42 9.74 -6.29 2.05
N GLN A 43 9.09 -7.36 2.57
CA GLN A 43 9.62 -8.70 2.73
C GLN A 43 10.84 -8.64 3.59
N THR A 44 10.63 -8.21 4.85
CA THR A 44 11.73 -8.04 5.76
C THR A 44 11.21 -8.47 7.10
N TRP A 45 9.87 -8.47 7.21
CA TRP A 45 9.22 -8.82 8.44
C TRP A 45 8.66 -10.23 8.28
ZN ZN B . -0.99 1.55 0.91
ZN ZN C . -1.77 0.80 -1.33
N ILE A 5 7.14 -5.33 11.86
CA ILE A 5 6.43 -4.03 11.83
C ILE A 5 5.36 -4.18 10.77
N PRO A 6 4.28 -3.39 10.73
CA PRO A 6 3.30 -3.51 9.68
C PRO A 6 3.89 -2.91 8.44
N LEU A 7 3.72 -3.60 7.30
CA LEU A 7 4.30 -3.19 6.07
C LEU A 7 3.43 -2.21 5.38
N SER A 8 4.04 -1.46 4.43
CA SER A 8 3.37 -0.49 3.65
C SER A 8 3.50 -0.88 2.22
N CYS A 9 2.69 -0.23 1.35
CA CYS A 9 2.74 -0.46 -0.06
C CYS A 9 3.72 0.51 -0.62
N THR A 10 3.96 0.39 -1.94
CA THR A 10 5.06 1.05 -2.59
C THR A 10 4.82 2.52 -2.76
N ILE A 11 3.54 2.95 -2.77
CA ILE A 11 3.23 4.35 -2.87
C ILE A 11 3.19 4.96 -1.51
N CYS A 12 2.69 4.22 -0.48
CA CYS A 12 2.55 4.77 0.84
C CYS A 12 3.88 4.92 1.52
N ARG A 13 4.92 4.18 1.09
CA ARG A 13 6.24 4.37 1.63
C ARG A 13 6.92 5.55 0.98
N LYS A 14 6.52 5.90 -0.26
CA LYS A 14 7.14 6.96 -0.99
C LYS A 14 6.64 8.29 -0.49
N ARG A 15 5.32 8.40 -0.28
CA ARG A 15 4.68 9.62 0.11
C ARG A 15 4.78 9.78 1.60
N LYS A 16 4.83 8.63 2.32
CA LYS A 16 4.83 8.52 3.75
C LYS A 16 3.45 8.79 4.25
N VAL A 17 2.51 7.98 3.71
CA VAL A 17 1.16 7.95 4.17
C VAL A 17 1.14 6.68 4.96
N LYS A 18 0.14 6.56 5.83
CA LYS A 18 -0.01 5.41 6.68
C LYS A 18 -0.82 4.42 5.91
N CYS A 19 -0.13 3.35 5.47
CA CYS A 19 -0.72 2.23 4.79
C CYS A 19 -1.53 1.38 5.74
N ASP A 20 -2.29 0.42 5.20
CA ASP A 20 -3.40 -0.13 5.92
C ASP A 20 -3.15 -1.58 6.10
N LYS A 21 -2.87 -2.27 4.96
CA LYS A 21 -2.74 -3.70 4.85
C LYS A 21 -4.13 -4.31 4.85
N LEU A 22 -5.13 -3.56 4.33
CA LEU A 22 -6.47 -4.05 4.26
C LEU A 22 -6.59 -4.71 2.94
N ARG A 23 -7.23 -5.91 2.93
CA ARG A 23 -7.26 -6.72 1.74
C ARG A 23 -8.33 -6.19 0.82
N PRO A 24 -8.23 -6.28 -0.49
CA PRO A 24 -7.08 -6.69 -1.25
C PRO A 24 -6.12 -5.53 -1.28
N HIS A 25 -6.57 -4.35 -1.77
CA HIS A 25 -5.73 -3.20 -1.96
C HIS A 25 -6.10 -2.24 -0.90
N CYS A 26 -5.15 -1.34 -0.53
CA CYS A 26 -5.29 -0.50 0.62
C CYS A 26 -6.19 0.66 0.30
N GLN A 27 -6.71 1.33 1.35
CA GLN A 27 -7.72 2.35 1.24
C GLN A 27 -7.32 3.62 0.52
N GLN A 28 -6.00 3.89 0.35
CA GLN A 28 -5.57 4.99 -0.46
C GLN A 28 -5.84 4.67 -1.89
N CYS A 29 -5.24 3.57 -2.40
CA CYS A 29 -5.31 3.09 -3.73
C CYS A 29 -6.64 2.57 -4.19
N THR A 30 -7.58 2.26 -3.27
CA THR A 30 -8.90 1.84 -3.64
C THR A 30 -9.68 3.07 -4.01
N LYS A 31 -9.53 4.14 -3.20
CA LYS A 31 -10.26 5.36 -3.36
C LYS A 31 -9.70 6.24 -4.44
N THR A 32 -8.40 6.10 -4.74
CA THR A 32 -7.77 6.85 -5.79
C THR A 32 -8.10 6.15 -7.07
N GLY A 33 -7.79 4.85 -7.11
CA GLY A 33 -8.04 4.04 -8.28
C GLY A 33 -6.72 3.61 -8.83
N VAL A 34 -5.66 3.68 -7.99
CA VAL A 34 -4.37 3.15 -8.34
C VAL A 34 -4.18 1.83 -7.65
N ALA A 35 -5.21 0.97 -7.61
CA ALA A 35 -5.12 -0.30 -6.91
C ALA A 35 -4.20 -1.25 -7.61
N HIS A 36 -3.93 -0.94 -8.90
CA HIS A 36 -2.93 -1.56 -9.72
C HIS A 36 -1.56 -1.32 -9.22
N LEU A 37 -1.32 -0.11 -8.65
CA LEU A 37 -0.03 0.19 -8.08
C LEU A 37 -0.02 -0.04 -6.61
N CYS A 38 -1.02 -0.79 -6.13
CA CYS A 38 -1.04 -1.19 -4.76
C CYS A 38 -0.51 -2.57 -4.64
N HIS A 39 0.70 -2.69 -4.04
CA HIS A 39 1.23 -3.98 -3.70
C HIS A 39 2.08 -3.75 -2.49
N TYR A 40 1.91 -4.60 -1.48
CA TYR A 40 2.69 -4.50 -0.28
C TYR A 40 3.90 -5.33 -0.54
N MET A 41 5.06 -4.91 0.01
CA MET A 41 6.35 -5.42 -0.32
C MET A 41 6.53 -6.80 0.20
N GLU A 42 7.02 -7.71 -0.68
CA GLU A 42 7.24 -9.12 -0.43
C GLU A 42 5.92 -9.84 -0.40
N GLN A 43 5.72 -10.74 -1.40
CA GLN A 43 4.46 -11.36 -1.62
C GLN A 43 4.52 -12.83 -1.27
N THR A 44 5.31 -13.19 -0.25
CA THR A 44 5.39 -14.56 0.19
C THR A 44 4.46 -14.72 1.36
N TRP A 45 4.13 -13.58 2.02
CA TRP A 45 3.28 -13.58 3.17
C TRP A 45 1.85 -13.85 2.73
ZN ZN B . -0.92 1.78 0.87
ZN ZN C . -1.78 1.00 -1.49
N ILE A 5 10.10 -3.27 10.51
CA ILE A 5 9.19 -2.16 10.18
C ILE A 5 7.85 -2.74 9.83
N PRO A 6 6.76 -1.98 9.89
CA PRO A 6 5.48 -2.43 9.41
C PRO A 6 5.53 -2.35 7.91
N LEU A 7 4.71 -3.19 7.24
CA LEU A 7 4.65 -3.19 5.81
C LEU A 7 3.84 -2.04 5.32
N SER A 8 4.07 -1.69 4.05
CA SER A 8 3.52 -0.51 3.47
C SER A 8 3.57 -0.77 2.02
N CYS A 9 2.66 -0.12 1.26
CA CYS A 9 2.64 -0.32 -0.16
C CYS A 9 3.62 0.60 -0.80
N THR A 10 3.79 0.42 -2.12
CA THR A 10 4.91 0.95 -2.85
C THR A 10 4.77 2.41 -3.13
N ILE A 11 3.54 2.97 -2.99
CA ILE A 11 3.35 4.39 -3.12
C ILE A 11 3.40 5.00 -1.77
N CYS A 12 2.84 4.32 -0.75
CA CYS A 12 2.67 4.89 0.56
C CYS A 12 3.95 5.00 1.33
N ARG A 13 4.99 4.22 0.94
CA ARG A 13 6.29 4.36 1.53
C ARG A 13 7.01 5.55 0.94
N LYS A 14 6.61 5.99 -0.27
CA LYS A 14 7.24 7.10 -0.92
C LYS A 14 6.70 8.39 -0.38
N ARG A 15 5.37 8.45 -0.11
CA ARG A 15 4.75 9.65 0.40
C ARG A 15 5.05 9.76 1.86
N LYS A 16 5.16 8.59 2.54
CA LYS A 16 5.37 8.43 3.94
C LYS A 16 4.09 8.78 4.63
N VAL A 17 3.03 8.01 4.30
CA VAL A 17 1.75 8.11 4.89
C VAL A 17 1.55 6.74 5.43
N LYS A 18 0.53 6.57 6.30
CA LYS A 18 0.26 5.29 6.88
C LYS A 18 -0.57 4.50 5.95
N CYS A 19 0.04 3.37 5.53
CA CYS A 19 -0.61 2.34 4.76
C CYS A 19 -1.45 1.50 5.68
N ASP A 20 -2.31 0.62 5.11
CA ASP A 20 -3.47 0.17 5.82
C ASP A 20 -3.39 -1.30 6.00
N LYS A 21 -2.92 -1.99 4.94
CA LYS A 21 -2.81 -3.43 4.86
C LYS A 21 -4.17 -4.05 4.93
N LEU A 22 -5.07 -3.59 4.01
CA LEU A 22 -6.35 -4.19 3.86
C LEU A 22 -6.21 -5.22 2.81
N ARG A 23 -7.14 -6.17 2.73
CA ARG A 23 -7.17 -7.10 1.66
C ARG A 23 -8.25 -6.60 0.74
N PRO A 24 -8.13 -6.59 -0.57
CA PRO A 24 -6.95 -6.85 -1.34
C PRO A 24 -6.07 -5.62 -1.29
N HIS A 25 -6.61 -4.42 -1.59
CA HIS A 25 -5.82 -3.24 -1.77
C HIS A 25 -6.19 -2.25 -0.71
N CYS A 26 -5.28 -1.28 -0.47
CA CYS A 26 -5.36 -0.39 0.67
C CYS A 26 -6.26 0.73 0.32
N GLN A 27 -6.73 1.44 1.36
CA GLN A 27 -7.76 2.45 1.31
C GLN A 27 -7.48 3.63 0.43
N GLN A 28 -6.20 3.98 0.22
CA GLN A 28 -5.82 5.11 -0.55
C GLN A 28 -5.96 4.81 -2.01
N CYS A 29 -5.35 3.71 -2.49
CA CYS A 29 -5.40 3.24 -3.82
C CYS A 29 -6.70 2.64 -4.26
N THR A 30 -7.62 2.29 -3.32
CA THR A 30 -8.93 1.83 -3.68
C THR A 30 -9.77 3.04 -4.00
N LYS A 31 -9.56 4.13 -3.24
CA LYS A 31 -10.32 5.34 -3.38
C LYS A 31 -9.88 6.12 -4.58
N THR A 32 -8.57 6.07 -4.92
CA THR A 32 -8.02 6.78 -6.03
C THR A 32 -8.36 6.02 -7.26
N GLY A 33 -7.95 4.73 -7.29
CA GLY A 33 -8.13 3.90 -8.45
C GLY A 33 -6.78 3.55 -8.97
N VAL A 34 -5.73 3.66 -8.10
CA VAL A 34 -4.43 3.16 -8.42
C VAL A 34 -4.22 1.85 -7.73
N ALA A 35 -5.23 0.97 -7.69
CA ALA A 35 -5.15 -0.26 -6.94
C ALA A 35 -4.23 -1.25 -7.60
N HIS A 36 -3.93 -0.99 -8.89
CA HIS A 36 -2.91 -1.65 -9.64
C HIS A 36 -1.56 -1.40 -9.09
N LEU A 37 -1.34 -0.16 -8.57
CA LEU A 37 -0.08 0.23 -8.00
C LEU A 37 -0.07 0.00 -6.53
N CYS A 38 -1.06 -0.76 -6.06
CA CYS A 38 -1.12 -1.13 -4.67
C CYS A 38 -0.65 -2.53 -4.52
N HIS A 39 0.59 -2.69 -4.01
CA HIS A 39 1.06 -3.98 -3.60
C HIS A 39 1.90 -3.72 -2.42
N TYR A 40 1.76 -4.55 -1.36
CA TYR A 40 2.55 -4.39 -0.18
C TYR A 40 3.80 -5.16 -0.42
N MET A 41 4.89 -4.71 0.23
CA MET A 41 6.19 -5.30 0.09
C MET A 41 6.25 -6.59 0.83
N GLU A 42 7.23 -7.45 0.48
CA GLU A 42 7.31 -8.78 1.02
C GLU A 42 7.87 -8.76 2.40
N GLN A 43 7.60 -9.85 3.15
CA GLN A 43 8.32 -10.16 4.34
C GLN A 43 9.61 -10.72 3.86
N THR A 44 10.71 -9.95 4.03
CA THR A 44 12.00 -10.31 3.52
C THR A 44 12.61 -11.27 4.48
N TRP A 45 13.15 -12.37 3.90
CA TRP A 45 13.48 -13.54 4.63
C TRP A 45 14.83 -13.36 5.33
ZN ZN B . -1.01 1.98 0.79
ZN ZN C . -1.87 1.22 -1.54
N ILE A 5 -0.70 -1.94 9.81
CA ILE A 5 0.47 -1.55 10.63
C ILE A 5 1.74 -2.24 10.20
N PRO A 6 1.87 -3.56 10.09
CA PRO A 6 3.03 -4.16 9.50
C PRO A 6 2.91 -3.93 8.02
N LEU A 7 3.94 -3.27 7.44
CA LEU A 7 4.09 -2.96 6.04
C LEU A 7 3.17 -1.88 5.54
N SER A 8 3.62 -1.26 4.44
CA SER A 8 2.87 -0.29 3.73
C SER A 8 3.01 -0.72 2.31
N CYS A 9 2.29 -0.04 1.38
CA CYS A 9 2.46 -0.32 -0.02
C CYS A 9 3.57 0.56 -0.52
N THR A 10 3.99 0.34 -1.78
CA THR A 10 5.21 0.91 -2.31
C THR A 10 5.08 2.39 -2.52
N ILE A 11 3.86 2.85 -2.84
CA ILE A 11 3.59 4.23 -3.09
C ILE A 11 3.35 4.94 -1.80
N CYS A 12 2.80 4.21 -0.80
CA CYS A 12 2.49 4.77 0.50
C CYS A 12 3.72 4.93 1.33
N ARG A 13 4.80 4.20 0.99
CA ARG A 13 6.08 4.37 1.62
C ARG A 13 6.77 5.57 1.04
N LYS A 14 6.44 5.91 -0.24
CA LYS A 14 7.06 6.98 -0.94
C LYS A 14 6.56 8.31 -0.43
N ARG A 15 5.21 8.45 -0.24
CA ARG A 15 4.67 9.67 0.27
C ARG A 15 4.88 9.74 1.75
N LYS A 16 4.81 8.56 2.40
CA LYS A 16 4.90 8.35 3.82
C LYS A 16 3.60 8.76 4.42
N VAL A 17 2.62 7.86 4.29
CA VAL A 17 1.33 7.94 4.87
C VAL A 17 1.18 6.59 5.46
N LYS A 18 0.31 6.45 6.49
CA LYS A 18 0.11 5.18 7.12
C LYS A 18 -0.88 4.40 6.35
N CYS A 19 -0.37 3.27 5.81
CA CYS A 19 -1.09 2.38 4.96
C CYS A 19 -1.59 1.26 5.81
N ASP A 20 -2.48 0.42 5.22
CA ASP A 20 -3.60 -0.09 5.95
C ASP A 20 -3.47 -1.54 6.22
N LYS A 21 -3.29 -2.34 5.14
CA LYS A 21 -3.40 -3.78 5.13
C LYS A 21 -4.84 -4.14 5.33
N LEU A 22 -5.65 -3.86 4.29
CA LEU A 22 -7.03 -4.28 4.24
C LEU A 22 -7.03 -5.55 3.49
N ARG A 23 -6.08 -5.60 2.54
CA ARG A 23 -5.81 -6.58 1.53
C ARG A 23 -6.94 -6.84 0.56
N PRO A 24 -6.78 -6.83 -0.76
CA PRO A 24 -5.54 -6.80 -1.48
C PRO A 24 -5.10 -5.36 -1.62
N HIS A 25 -6.04 -4.41 -1.80
CA HIS A 25 -5.71 -3.05 -2.02
C HIS A 25 -6.00 -2.33 -0.76
N CYS A 26 -5.48 -1.09 -0.63
CA CYS A 26 -5.60 -0.34 0.59
C CYS A 26 -6.55 0.78 0.34
N GLN A 27 -6.90 1.52 1.43
CA GLN A 27 -7.81 2.64 1.41
C GLN A 27 -7.42 3.76 0.51
N GLN A 28 -6.10 4.06 0.41
CA GLN A 28 -5.59 5.14 -0.37
C GLN A 28 -5.82 4.88 -1.82
N CYS A 29 -5.40 3.72 -2.35
CA CYS A 29 -5.58 3.38 -3.70
C CYS A 29 -6.88 2.73 -4.09
N THR A 30 -7.82 2.56 -3.14
CA THR A 30 -9.19 2.31 -3.52
C THR A 30 -9.73 3.63 -3.99
N LYS A 31 -9.34 4.72 -3.31
CA LYS A 31 -9.81 6.04 -3.57
C LYS A 31 -9.11 6.72 -4.71
N THR A 32 -7.83 6.35 -5.03
CA THR A 32 -7.16 6.94 -6.14
C THR A 32 -7.59 6.14 -7.32
N GLY A 33 -7.56 4.80 -7.16
CA GLY A 33 -7.91 3.90 -8.20
C GLY A 33 -6.65 3.23 -8.60
N VAL A 34 -5.61 3.29 -7.73
CA VAL A 34 -4.34 2.63 -7.93
C VAL A 34 -4.28 1.38 -7.25
N ALA A 35 -5.38 0.65 -7.32
CA ALA A 35 -5.39 -0.60 -6.70
C ALA A 35 -4.55 -1.52 -7.56
N HIS A 36 -4.44 -1.18 -8.88
CA HIS A 36 -3.55 -1.77 -9.82
C HIS A 36 -2.14 -1.52 -9.42
N LEU A 37 -1.80 -0.26 -8.99
CA LEU A 37 -0.44 -0.07 -8.53
C LEU A 37 -0.25 -0.38 -7.08
N CYS A 38 -1.30 -0.95 -6.47
CA CYS A 38 -1.27 -1.25 -5.06
C CYS A 38 -0.79 -2.64 -4.84
N HIS A 39 0.39 -2.75 -4.20
CA HIS A 39 0.88 -4.01 -3.75
C HIS A 39 1.69 -3.72 -2.54
N TYR A 40 1.47 -4.49 -1.46
CA TYR A 40 2.27 -4.33 -0.28
C TYR A 40 3.39 -5.29 -0.46
N MET A 41 4.61 -4.84 -0.09
CA MET A 41 5.79 -5.57 -0.36
C MET A 41 6.56 -5.62 0.90
N GLU A 42 7.32 -6.73 1.07
CA GLU A 42 8.24 -6.88 2.16
C GLU A 42 9.47 -6.15 1.73
N GLN A 43 10.20 -5.56 2.70
CA GLN A 43 11.32 -4.71 2.42
C GLN A 43 12.53 -5.49 1.98
N THR A 44 12.72 -6.72 2.51
CA THR A 44 13.85 -7.52 2.15
C THR A 44 13.62 -8.18 0.82
N TRP A 45 12.38 -8.68 0.56
CA TRP A 45 12.12 -9.37 -0.67
C TRP A 45 11.78 -8.34 -1.74
ZN ZN B . -1.25 1.94 0.48
ZN ZN C . -2.02 1.02 -1.65
N ILE A 5 9.79 -0.12 9.63
CA ILE A 5 9.71 -1.58 9.89
C ILE A 5 8.34 -2.22 9.69
N PRO A 6 7.16 -1.57 9.71
CA PRO A 6 5.95 -2.24 9.29
C PRO A 6 5.96 -2.30 7.80
N LEU A 7 5.18 -3.25 7.23
CA LEU A 7 4.98 -3.34 5.82
C LEU A 7 4.06 -2.26 5.39
N SER A 8 4.20 -1.88 4.11
CA SER A 8 3.43 -0.82 3.54
C SER A 8 3.55 -1.02 2.09
N CYS A 9 2.78 -0.24 1.31
CA CYS A 9 2.84 -0.34 -0.11
C CYS A 9 3.99 0.46 -0.61
N THR A 10 4.32 0.21 -1.88
CA THR A 10 5.37 0.86 -2.59
C THR A 10 5.04 2.31 -2.80
N ILE A 11 3.76 2.62 -3.13
CA ILE A 11 3.37 3.99 -3.35
C ILE A 11 3.06 4.67 -2.06
N CYS A 12 2.53 3.91 -1.07
CA CYS A 12 2.20 4.42 0.25
C CYS A 12 3.41 4.86 1.01
N ARG A 13 4.59 4.24 0.73
CA ARG A 13 5.84 4.62 1.32
C ARG A 13 6.36 5.90 0.72
N LYS A 14 6.08 6.14 -0.58
CA LYS A 14 6.57 7.29 -1.29
C LYS A 14 5.85 8.55 -0.90
N ARG A 15 4.52 8.49 -0.69
CA ARG A 15 3.79 9.66 -0.24
C ARG A 15 4.06 9.83 1.22
N LYS A 16 4.19 8.67 1.92
CA LYS A 16 4.37 8.55 3.34
C LYS A 16 3.07 8.89 3.99
N VAL A 17 2.16 7.92 3.85
CA VAL A 17 0.85 7.92 4.38
C VAL A 17 0.81 6.62 5.07
N LYS A 18 -0.19 6.41 5.95
CA LYS A 18 -0.31 5.16 6.62
C LYS A 18 -1.00 4.18 5.75
N CYS A 19 -0.27 3.08 5.48
CA CYS A 19 -0.77 1.93 4.78
C CYS A 19 -1.58 1.12 5.75
N ASP A 20 -2.44 0.23 5.22
CA ASP A 20 -3.53 -0.28 6.01
C ASP A 20 -3.47 -1.76 6.03
N LYS A 21 -3.10 -2.35 4.87
CA LYS A 21 -3.00 -3.76 4.62
C LYS A 21 -4.32 -4.45 4.77
N LEU A 22 -5.39 -3.80 4.26
CA LEU A 22 -6.67 -4.42 4.15
C LEU A 22 -6.72 -4.95 2.76
N ARG A 23 -7.39 -6.11 2.58
CA ARG A 23 -7.35 -6.82 1.34
C ARG A 23 -8.40 -6.28 0.41
N PRO A 24 -8.29 -6.42 -0.90
CA PRO A 24 -7.11 -6.79 -1.64
C PRO A 24 -6.24 -5.57 -1.65
N HIS A 25 -6.76 -4.44 -2.18
CA HIS A 25 -6.05 -3.21 -2.23
C HIS A 25 -6.43 -2.45 -1.00
N CYS A 26 -5.49 -1.64 -0.47
CA CYS A 26 -5.70 -0.94 0.76
C CYS A 26 -6.48 0.30 0.48
N GLN A 27 -7.05 0.91 1.55
CA GLN A 27 -7.95 2.04 1.42
C GLN A 27 -7.33 3.32 0.92
N GLN A 28 -5.98 3.43 0.90
CA GLN A 28 -5.31 4.53 0.27
C GLN A 28 -5.48 4.40 -1.21
N CYS A 29 -5.00 3.28 -1.80
CA CYS A 29 -5.02 2.96 -3.17
C CYS A 29 -6.38 2.73 -3.80
N THR A 30 -7.43 2.48 -2.99
CA THR A 30 -8.77 2.39 -3.51
C THR A 30 -9.22 3.76 -3.93
N LYS A 31 -8.89 4.78 -3.10
CA LYS A 31 -9.32 6.12 -3.30
C LYS A 31 -8.43 6.85 -4.28
N THR A 32 -7.17 6.39 -4.42
CA THR A 32 -6.22 6.98 -5.32
C THR A 32 -6.56 6.56 -6.72
N GLY A 33 -6.65 5.24 -6.96
CA GLY A 33 -6.82 4.70 -8.28
C GLY A 33 -5.50 4.14 -8.69
N VAL A 34 -4.71 3.69 -7.69
CA VAL A 34 -3.46 3.00 -7.84
C VAL A 34 -3.78 1.68 -7.18
N ALA A 35 -5.01 1.17 -7.35
CA ALA A 35 -5.39 -0.06 -6.67
C ALA A 35 -4.73 -1.20 -7.36
N HIS A 36 -4.51 -1.02 -8.67
CA HIS A 36 -3.70 -1.86 -9.47
C HIS A 36 -2.27 -1.82 -9.07
N LEU A 37 -1.84 -0.66 -8.53
CA LEU A 37 -0.49 -0.43 -8.15
C LEU A 37 -0.28 -0.86 -6.74
N CYS A 38 -1.36 -1.35 -6.11
CA CYS A 38 -1.34 -1.67 -4.72
C CYS A 38 -0.71 -3.01 -4.51
N HIS A 39 0.53 -2.99 -3.99
CA HIS A 39 1.18 -4.20 -3.58
C HIS A 39 1.95 -3.84 -2.38
N TYR A 40 1.93 -4.69 -1.34
CA TYR A 40 2.69 -4.43 -0.16
C TYR A 40 4.04 -5.00 -0.40
N MET A 41 5.04 -4.12 -0.22
CA MET A 41 6.40 -4.42 -0.57
C MET A 41 7.26 -4.11 0.60
N GLU A 42 8.34 -4.92 0.75
CA GLU A 42 9.30 -4.72 1.79
C GLU A 42 10.22 -3.63 1.32
N GLN A 43 10.71 -2.83 2.30
CA GLN A 43 11.46 -1.64 2.03
C GLN A 43 12.90 -1.93 1.75
N THR A 44 13.40 -3.13 2.16
CA THR A 44 14.78 -3.48 1.99
C THR A 44 15.02 -4.01 0.61
N TRP A 45 14.11 -4.86 0.09
CA TRP A 45 14.27 -5.38 -1.24
C TRP A 45 12.88 -5.65 -1.79
ZN ZN B . -1.07 0.78 1.01
ZN ZN C . -2.05 0.07 -1.11
N ILE A 5 7.60 -1.44 9.87
CA ILE A 5 7.39 -2.83 10.37
C ILE A 5 6.07 -3.37 9.89
N PRO A 6 4.93 -2.67 9.97
CA PRO A 6 3.75 -3.05 9.25
C PRO A 6 4.02 -2.79 7.80
N LEU A 7 3.62 -3.72 6.92
CA LEU A 7 3.87 -3.66 5.52
C LEU A 7 3.09 -2.58 4.87
N SER A 8 3.83 -1.85 4.01
CA SER A 8 3.30 -0.72 3.32
C SER A 8 3.30 -1.02 1.87
N CYS A 9 2.54 -0.19 1.11
CA CYS A 9 2.51 -0.30 -0.32
C CYS A 9 3.69 0.44 -0.85
N THR A 10 3.93 0.26 -2.16
CA THR A 10 5.06 0.78 -2.87
C THR A 10 4.95 2.28 -3.03
N ILE A 11 3.74 2.84 -3.17
CA ILE A 11 3.59 4.27 -3.22
C ILE A 11 3.50 4.80 -1.83
N CYS A 12 2.85 4.06 -0.91
CA CYS A 12 2.56 4.54 0.41
C CYS A 12 3.75 4.72 1.28
N ARG A 13 4.86 3.99 1.00
CA ARG A 13 6.08 4.15 1.74
C ARG A 13 6.81 5.39 1.29
N LYS A 14 6.63 5.79 0.00
CA LYS A 14 7.30 6.92 -0.58
C LYS A 14 6.69 8.22 -0.11
N ARG A 15 5.34 8.27 -0.04
CA ARG A 15 4.64 9.45 0.41
C ARG A 15 4.75 9.53 1.90
N LYS A 16 4.76 8.35 2.55
CA LYS A 16 4.81 8.15 3.97
C LYS A 16 3.48 8.54 4.51
N VAL A 17 2.45 7.85 4.00
CA VAL A 17 1.13 7.87 4.53
C VAL A 17 1.06 6.57 5.27
N LYS A 18 0.05 6.45 6.16
CA LYS A 18 -0.12 5.23 6.90
C LYS A 18 -0.84 4.26 6.01
N CYS A 19 -0.09 3.23 5.56
CA CYS A 19 -0.64 2.13 4.83
C CYS A 19 -1.24 1.17 5.82
N ASP A 20 -2.07 0.24 5.33
CA ASP A 20 -3.00 -0.43 6.19
C ASP A 20 -2.66 -1.87 6.16
N LYS A 21 -2.64 -2.43 4.92
CA LYS A 21 -2.53 -3.83 4.66
C LYS A 21 -3.90 -4.37 4.97
N LEU A 22 -4.88 -3.71 4.32
CA LEU A 22 -6.28 -3.79 4.54
C LEU A 22 -6.86 -5.11 4.15
N ARG A 23 -6.47 -5.53 2.93
CA ARG A 23 -6.89 -6.66 2.15
C ARG A 23 -8.24 -6.37 1.54
N PRO A 24 -8.43 -6.28 0.24
CA PRO A 24 -7.50 -6.62 -0.80
C PRO A 24 -6.57 -5.45 -0.99
N HIS A 25 -7.10 -4.24 -1.24
CA HIS A 25 -6.30 -3.09 -1.58
C HIS A 25 -6.55 -2.10 -0.49
N CYS A 26 -5.62 -1.15 -0.28
CA CYS A 26 -5.68 -0.31 0.89
C CYS A 26 -6.51 0.89 0.64
N GLN A 27 -6.72 1.69 1.70
CA GLN A 27 -7.62 2.82 1.69
C GLN A 27 -7.24 3.98 0.79
N GLN A 28 -5.96 4.06 0.35
CA GLN A 28 -5.54 5.04 -0.62
C GLN A 28 -5.96 4.55 -1.98
N CYS A 29 -5.47 3.35 -2.38
CA CYS A 29 -5.59 2.92 -3.72
C CYS A 29 -6.88 2.30 -4.11
N THR A 30 -7.79 2.02 -3.16
CA THR A 30 -9.05 1.53 -3.60
C THR A 30 -9.80 2.77 -4.07
N LYS A 31 -9.54 3.90 -3.38
CA LYS A 31 -10.17 5.16 -3.63
C LYS A 31 -9.73 5.85 -4.89
N THR A 32 -8.40 5.92 -5.23
CA THR A 32 -8.05 6.65 -6.42
C THR A 32 -7.95 5.64 -7.53
N GLY A 33 -7.86 4.34 -7.16
CA GLY A 33 -7.99 3.27 -8.11
C GLY A 33 -6.62 2.95 -8.57
N VAL A 34 -5.64 3.01 -7.64
CA VAL A 34 -4.27 2.75 -7.95
C VAL A 34 -3.85 1.50 -7.38
N ALA A 35 -4.70 0.47 -7.43
CA ALA A 35 -4.31 -0.70 -6.73
C ALA A 35 -3.26 -1.40 -7.56
N HIS A 36 -3.32 -1.12 -8.89
CA HIS A 36 -2.37 -1.51 -9.88
C HIS A 36 -1.06 -0.92 -9.57
N LEU A 37 -1.02 0.39 -9.19
CA LEU A 37 0.24 0.99 -8.89
C LEU A 37 0.66 0.83 -7.47
N CYS A 38 -0.19 0.17 -6.68
CA CYS A 38 -0.02 0.24 -5.23
C CYS A 38 -0.27 -1.09 -4.62
N HIS A 39 0.82 -1.88 -4.48
CA HIS A 39 0.78 -3.22 -3.99
C HIS A 39 1.64 -3.25 -2.78
N TYR A 40 1.32 -4.14 -1.79
CA TYR A 40 2.16 -4.29 -0.64
C TYR A 40 3.36 -5.10 -1.02
N MET A 41 4.47 -4.84 -0.33
CA MET A 41 5.73 -5.48 -0.59
C MET A 41 5.71 -6.90 -0.12
N GLU A 42 6.48 -7.77 -0.82
CA GLU A 42 6.56 -9.19 -0.62
C GLU A 42 5.24 -9.82 -1.01
N GLN A 43 4.46 -10.28 0.00
CA GLN A 43 3.23 -11.02 -0.13
C GLN A 43 3.50 -12.36 -0.76
N THR A 44 4.52 -13.06 -0.20
CA THR A 44 4.83 -14.40 -0.61
C THR A 44 4.52 -15.24 0.58
N TRP A 45 4.62 -14.61 1.76
CA TRP A 45 4.29 -15.22 3.01
C TRP A 45 2.77 -15.17 3.14
ZN ZN B . -1.13 1.39 0.81
ZN ZN C . -2.29 0.87 -1.45
N ILE A 5 0.75 -4.84 8.79
CA ILE A 5 1.02 -3.77 9.77
C ILE A 5 2.45 -3.31 9.69
N PRO A 6 3.48 -4.16 9.59
CA PRO A 6 4.82 -3.69 9.31
C PRO A 6 4.91 -3.24 7.88
N LEU A 7 4.25 -3.96 6.94
CA LEU A 7 4.40 -3.67 5.55
C LEU A 7 3.53 -2.53 5.15
N SER A 8 3.97 -1.85 4.08
CA SER A 8 3.28 -0.73 3.52
C SER A 8 3.42 -0.89 2.06
N CYS A 9 2.50 -0.23 1.30
CA CYS A 9 2.48 -0.37 -0.12
C CYS A 9 3.44 0.62 -0.68
N THR A 10 3.76 0.48 -1.99
CA THR A 10 4.92 1.10 -2.55
C THR A 10 4.70 2.57 -2.84
N ILE A 11 3.43 3.02 -2.89
CA ILE A 11 3.12 4.40 -3.10
C ILE A 11 2.96 5.08 -1.79
N CYS A 12 2.47 4.35 -0.76
CA CYS A 12 2.32 4.88 0.58
C CYS A 12 3.65 5.08 1.24
N ARG A 13 4.66 4.29 0.83
CA ARG A 13 5.99 4.40 1.36
C ARG A 13 6.70 5.54 0.69
N LYS A 14 6.27 5.87 -0.55
CA LYS A 14 6.83 6.92 -1.35
C LYS A 14 6.47 8.27 -0.79
N ARG A 15 5.17 8.51 -0.47
CA ARG A 15 4.76 9.79 0.07
C ARG A 15 5.12 9.85 1.53
N LYS A 16 5.07 8.67 2.19
CA LYS A 16 5.22 8.50 3.61
C LYS A 16 3.95 8.94 4.26
N VAL A 17 2.97 8.02 4.22
CA VAL A 17 1.68 8.15 4.80
C VAL A 17 1.53 6.77 5.33
N LYS A 18 0.64 6.57 6.31
CA LYS A 18 0.50 5.25 6.85
C LYS A 18 -0.39 4.44 5.97
N CYS A 19 0.12 3.24 5.62
CA CYS A 19 -0.59 2.24 4.88
C CYS A 19 -1.53 1.51 5.79
N ASP A 20 -2.40 0.66 5.22
CA ASP A 20 -3.56 0.16 5.91
C ASP A 20 -3.49 -1.33 5.94
N LYS A 21 -2.98 -1.92 4.83
CA LYS A 21 -2.95 -3.31 4.54
C LYS A 21 -4.30 -3.95 4.61
N LEU A 22 -5.26 -3.39 3.85
CA LEU A 22 -6.55 -4.00 3.72
C LEU A 22 -6.41 -4.87 2.53
N ARG A 23 -7.00 -6.08 2.56
CA ARG A 23 -6.95 -6.93 1.41
C ARG A 23 -8.17 -6.55 0.60
N PRO A 24 -8.16 -6.48 -0.72
CA PRO A 24 -7.04 -6.64 -1.60
C PRO A 24 -6.27 -5.34 -1.63
N HIS A 25 -6.89 -4.20 -2.00
CA HIS A 25 -6.23 -2.94 -2.14
C HIS A 25 -6.43 -2.20 -0.85
N CYS A 26 -5.57 -1.18 -0.58
CA CYS A 26 -5.60 -0.51 0.69
C CYS A 26 -6.47 0.68 0.50
N GLN A 27 -6.84 1.37 1.61
CA GLN A 27 -7.82 2.44 1.62
C GLN A 27 -7.45 3.65 0.81
N GLN A 28 -6.14 3.89 0.60
CA GLN A 28 -5.67 4.94 -0.23
C GLN A 28 -5.99 4.63 -1.67
N CYS A 29 -5.49 3.49 -2.21
CA CYS A 29 -5.63 3.19 -3.58
C CYS A 29 -6.90 2.49 -3.99
N THR A 30 -7.85 2.27 -3.06
CA THR A 30 -9.18 1.92 -3.46
C THR A 30 -9.80 3.22 -3.92
N LYS A 31 -9.51 4.32 -3.18
CA LYS A 31 -10.05 5.61 -3.43
C LYS A 31 -9.48 6.30 -4.65
N THR A 32 -8.14 6.24 -4.90
CA THR A 32 -7.62 6.94 -6.04
C THR A 32 -7.60 5.98 -7.20
N GLY A 33 -7.60 4.66 -6.90
CA GLY A 33 -7.82 3.69 -7.92
C GLY A 33 -6.48 3.27 -8.41
N VAL A 34 -5.53 3.06 -7.46
CA VAL A 34 -4.24 2.54 -7.77
C VAL A 34 -4.11 1.28 -7.14
N ALA A 35 -5.06 0.39 -7.40
CA ALA A 35 -4.86 -0.85 -6.79
C ALA A 35 -3.75 -1.51 -7.61
N HIS A 36 -3.60 -1.05 -8.90
CA HIS A 36 -2.57 -1.39 -9.83
C HIS A 36 -1.25 -1.05 -9.26
N LEU A 37 -1.10 0.16 -8.66
CA LEU A 37 0.18 0.39 -8.02
C LEU A 37 0.32 -0.20 -6.67
N CYS A 38 -0.83 -0.55 -6.10
CA CYS A 38 -0.92 -0.90 -4.70
C CYS A 38 -0.52 -2.31 -4.46
N HIS A 39 0.72 -2.48 -3.93
CA HIS A 39 1.16 -3.75 -3.47
C HIS A 39 2.08 -3.52 -2.34
N TYR A 40 1.88 -4.27 -1.25
CA TYR A 40 2.81 -4.31 -0.17
C TYR A 40 3.63 -5.51 -0.45
N MET A 41 4.90 -5.44 -0.05
CA MET A 41 5.86 -6.43 -0.44
C MET A 41 7.02 -6.39 0.51
N GLU A 42 7.88 -7.44 0.39
CA GLU A 42 9.18 -7.54 1.02
C GLU A 42 9.04 -7.71 2.50
N GLN A 43 8.89 -8.97 2.94
CA GLN A 43 8.80 -9.31 4.33
C GLN A 43 9.77 -10.42 4.57
N THR A 44 10.52 -10.78 3.51
CA THR A 44 11.39 -11.92 3.53
C THR A 44 12.79 -11.48 3.85
N TRP A 45 13.04 -10.15 3.78
CA TRP A 45 14.33 -9.60 4.10
C TRP A 45 14.60 -9.76 5.59
ZN ZN B . -1.21 1.79 1.10
ZN ZN C . -2.07 1.25 -1.30
N ILE A 5 9.02 -1.00 11.42
CA ILE A 5 7.92 -0.16 10.95
C ILE A 5 6.74 -1.03 10.65
N PRO A 6 5.51 -0.54 10.64
CA PRO A 6 4.40 -1.20 10.03
C PRO A 6 4.63 -1.09 8.55
N LEU A 7 4.48 -2.23 7.84
CA LEU A 7 4.71 -2.31 6.43
C LEU A 7 3.70 -1.52 5.68
N SER A 8 4.23 -0.80 4.68
CA SER A 8 3.47 0.07 3.85
C SER A 8 3.62 -0.45 2.47
N CYS A 9 2.74 0.01 1.56
CA CYS A 9 2.76 -0.42 0.20
C CYS A 9 3.71 0.44 -0.58
N THR A 10 3.86 0.15 -1.89
CA THR A 10 4.91 0.70 -2.71
C THR A 10 4.76 2.16 -2.97
N ILE A 11 3.52 2.69 -3.06
CA ILE A 11 3.35 4.09 -3.26
C ILE A 11 3.37 4.78 -1.93
N CYS A 12 2.84 4.12 -0.88
CA CYS A 12 2.67 4.73 0.40
C CYS A 12 3.93 4.82 1.20
N ARG A 13 5.01 4.14 0.78
CA ARG A 13 6.29 4.34 1.40
C ARG A 13 6.95 5.56 0.82
N LYS A 14 6.56 5.95 -0.42
CA LYS A 14 7.10 7.12 -1.06
C LYS A 14 6.48 8.38 -0.52
N ARG A 15 5.13 8.40 -0.36
CA ARG A 15 4.44 9.58 0.11
C ARG A 15 4.48 9.65 1.60
N LYS A 16 4.54 8.46 2.25
CA LYS A 16 4.51 8.29 3.68
C LYS A 16 3.13 8.57 4.18
N VAL A 17 2.15 7.85 3.60
CA VAL A 17 0.86 7.75 4.19
C VAL A 17 0.94 6.53 5.05
N LYS A 18 0.13 6.49 6.13
CA LYS A 18 0.15 5.39 7.05
C LYS A 18 -0.71 4.30 6.50
N CYS A 19 -0.03 3.35 5.85
CA CYS A 19 -0.63 2.28 5.12
C CYS A 19 -0.64 1.06 6.00
N ASP A 20 -1.41 0.02 5.59
CA ASP A 20 -1.98 -0.91 6.50
C ASP A 20 -1.72 -2.26 5.94
N LYS A 21 -2.81 -2.90 5.48
CA LYS A 21 -2.92 -4.28 5.13
C LYS A 21 -4.33 -4.62 4.71
N LEU A 22 -5.13 -3.62 4.29
CA LEU A 22 -6.46 -3.78 3.82
C LEU A 22 -6.49 -4.55 2.56
N ARG A 23 -7.38 -5.56 2.57
CA ARG A 23 -7.46 -6.48 1.47
C ARG A 23 -8.41 -5.92 0.44
N PRO A 24 -8.22 -6.10 -0.85
CA PRO A 24 -7.04 -6.62 -1.50
C PRO A 24 -6.02 -5.52 -1.50
N HIS A 25 -6.41 -4.31 -1.97
CA HIS A 25 -5.55 -3.17 -2.04
C HIS A 25 -5.96 -2.25 -0.95
N CYS A 26 -5.08 -1.29 -0.59
CA CYS A 26 -5.23 -0.53 0.62
C CYS A 26 -6.20 0.60 0.46
N GLN A 27 -6.49 1.27 1.59
CA GLN A 27 -7.42 2.38 1.69
C GLN A 27 -7.14 3.58 0.80
N GLN A 28 -5.86 3.87 0.49
CA GLN A 28 -5.48 4.94 -0.39
C GLN A 28 -5.82 4.60 -1.80
N CYS A 29 -5.29 3.47 -2.32
CA CYS A 29 -5.46 2.93 -3.62
C CYS A 29 -6.85 2.45 -3.97
N THR A 30 -7.76 2.31 -2.99
CA THR A 30 -9.15 2.07 -3.27
C THR A 30 -9.76 3.34 -3.74
N LYS A 31 -9.50 4.44 -3.01
CA LYS A 31 -10.13 5.70 -3.22
C LYS A 31 -9.55 6.43 -4.39
N THR A 32 -8.24 6.21 -4.65
CA THR A 32 -7.54 6.86 -5.71
C THR A 32 -7.83 6.06 -6.94
N GLY A 33 -7.75 4.72 -6.82
CA GLY A 33 -8.02 3.84 -7.92
C GLY A 33 -6.71 3.48 -8.53
N VAL A 34 -5.64 3.48 -7.69
CA VAL A 34 -4.37 2.95 -8.09
C VAL A 34 -4.16 1.65 -7.36
N ALA A 35 -5.18 0.76 -7.37
CA ALA A 35 -5.04 -0.54 -6.78
C ALA A 35 -4.04 -1.36 -7.56
N HIS A 36 -3.84 -0.98 -8.83
CA HIS A 36 -2.87 -1.50 -9.75
C HIS A 36 -1.48 -1.21 -9.33
N LEU A 37 -1.28 -0.03 -8.69
CA LEU A 37 0.03 0.30 -8.18
C LEU A 37 0.21 -0.15 -6.80
N CYS A 38 -0.83 -0.80 -6.28
CA CYS A 38 -0.86 -1.14 -4.89
C CYS A 38 -0.45 -2.54 -4.66
N HIS A 39 0.81 -2.72 -4.22
CA HIS A 39 1.26 -4.01 -3.79
C HIS A 39 2.02 -3.74 -2.54
N TYR A 40 1.85 -4.61 -1.53
CA TYR A 40 2.55 -4.43 -0.29
C TYR A 40 3.90 -5.04 -0.44
N MET A 41 4.88 -4.51 0.32
CA MET A 41 6.22 -4.99 0.28
C MET A 41 6.30 -6.27 1.04
N GLU A 42 7.02 -7.25 0.45
CA GLU A 42 7.13 -8.57 0.98
C GLU A 42 8.09 -8.53 2.12
N GLN A 43 9.27 -7.91 1.87
CA GLN A 43 10.32 -7.68 2.81
C GLN A 43 10.89 -9.00 3.26
N THR A 44 11.37 -9.78 2.27
CA THR A 44 12.03 -11.03 2.49
C THR A 44 13.31 -10.88 1.75
N TRP A 45 13.45 -9.73 1.05
CA TRP A 45 14.59 -9.47 0.23
C TRP A 45 15.72 -8.96 1.13
ZN ZN B . -1.03 2.00 0.52
ZN ZN C . -1.71 1.02 -1.48
N ILE A 5 9.37 -1.92 10.43
CA ILE A 5 8.35 -0.91 10.13
C ILE A 5 7.02 -1.60 9.97
N PRO A 6 5.89 -0.91 10.03
CA PRO A 6 4.63 -1.44 9.58
C PRO A 6 4.75 -1.48 8.10
N LEU A 7 4.38 -2.62 7.48
CA LEU A 7 4.51 -2.85 6.08
C LEU A 7 3.55 -2.01 5.35
N SER A 8 4.10 -1.39 4.29
CA SER A 8 3.38 -0.42 3.52
C SER A 8 3.49 -0.83 2.10
N CYS A 9 2.67 -0.18 1.26
CA CYS A 9 2.75 -0.41 -0.15
C CYS A 9 3.73 0.57 -0.71
N THR A 10 4.00 0.42 -2.02
CA THR A 10 5.12 1.03 -2.67
C THR A 10 4.92 2.49 -2.91
N ILE A 11 3.64 2.95 -2.90
CA ILE A 11 3.33 4.33 -3.08
C ILE A 11 3.27 4.98 -1.74
N CYS A 12 2.81 4.23 -0.71
CA CYS A 12 2.62 4.78 0.61
C CYS A 12 3.91 4.99 1.32
N ARG A 13 4.98 4.28 0.90
CA ARG A 13 6.30 4.51 1.42
C ARG A 13 6.91 5.74 0.80
N LYS A 14 6.47 6.13 -0.42
CA LYS A 14 6.98 7.30 -1.08
C LYS A 14 6.42 8.56 -0.49
N ARG A 15 5.09 8.61 -0.26
CA ARG A 15 4.48 9.80 0.26
C ARG A 15 4.71 9.90 1.73
N LYS A 16 4.77 8.71 2.38
CA LYS A 16 4.76 8.53 3.81
C LYS A 16 3.42 8.93 4.33
N VAL A 17 2.47 8.01 4.11
CA VAL A 17 1.16 8.05 4.66
C VAL A 17 1.08 6.70 5.26
N LYS A 18 0.08 6.47 6.14
CA LYS A 18 -0.07 5.18 6.74
C LYS A 18 -0.85 4.31 5.83
N CYS A 19 -0.20 3.19 5.48
CA CYS A 19 -0.79 2.12 4.74
C CYS A 19 -1.61 1.29 5.69
N ASP A 20 -2.46 0.39 5.14
CA ASP A 20 -3.63 -0.03 5.85
C ASP A 20 -3.59 -1.49 6.06
N LYS A 21 -3.03 -2.20 5.05
CA LYS A 21 -2.90 -3.63 4.99
C LYS A 21 -4.28 -4.24 4.89
N LEU A 22 -5.10 -3.74 3.95
CA LEU A 22 -6.40 -4.30 3.72
C LEU A 22 -6.22 -5.37 2.72
N ARG A 23 -7.23 -6.25 2.58
CA ARG A 23 -7.23 -7.22 1.53
C ARG A 23 -8.30 -6.76 0.56
N PRO A 24 -8.10 -6.72 -0.74
CA PRO A 24 -6.87 -6.93 -1.44
C PRO A 24 -6.04 -5.66 -1.35
N HIS A 25 -6.64 -4.47 -1.59
CA HIS A 25 -5.90 -3.26 -1.82
C HIS A 25 -6.26 -2.26 -0.79
N CYS A 26 -5.31 -1.34 -0.50
CA CYS A 26 -5.37 -0.47 0.65
C CYS A 26 -6.20 0.74 0.35
N GLN A 27 -6.56 1.49 1.41
CA GLN A 27 -7.50 2.58 1.36
C GLN A 27 -7.06 3.80 0.60
N GLN A 28 -5.74 3.98 0.36
CA GLN A 28 -5.25 5.05 -0.46
C GLN A 28 -5.58 4.75 -1.89
N CYS A 29 -5.07 3.62 -2.41
CA CYS A 29 -5.23 3.16 -3.75
C CYS A 29 -6.60 2.71 -4.17
N THR A 30 -7.53 2.44 -3.22
CA THR A 30 -8.89 2.11 -3.58
C THR A 30 -9.63 3.39 -3.83
N LYS A 31 -9.29 4.44 -3.05
CA LYS A 31 -9.92 5.72 -3.14
C LYS A 31 -9.43 6.48 -4.35
N THR A 32 -8.14 6.29 -4.71
CA THR A 32 -7.53 6.96 -5.82
C THR A 32 -7.96 6.26 -7.06
N GLY A 33 -7.69 4.94 -7.12
CA GLY A 33 -7.99 4.15 -8.27
C GLY A 33 -6.70 3.67 -8.86
N VAL A 34 -5.62 3.68 -8.03
CA VAL A 34 -4.37 3.09 -8.40
C VAL A 34 -4.24 1.76 -7.72
N ALA A 35 -5.32 0.96 -7.66
CA ALA A 35 -5.29 -0.28 -6.92
C ALA A 35 -4.45 -1.32 -7.59
N HIS A 36 -4.18 -1.10 -8.89
CA HIS A 36 -3.22 -1.83 -9.66
C HIS A 36 -1.85 -1.65 -9.14
N LEU A 37 -1.53 -0.43 -8.65
CA LEU A 37 -0.22 -0.12 -8.13
C LEU A 37 -0.16 -0.34 -6.66
N CYS A 38 -1.18 -1.02 -6.14
CA CYS A 38 -1.19 -1.38 -4.75
C CYS A 38 -0.63 -2.75 -4.58
N HIS A 39 0.63 -2.83 -4.08
CA HIS A 39 1.18 -4.09 -3.69
C HIS A 39 2.03 -3.81 -2.51
N TYR A 40 1.88 -4.65 -1.47
CA TYR A 40 2.61 -4.46 -0.25
C TYR A 40 3.88 -5.23 -0.40
N MET A 41 4.93 -4.75 0.30
CA MET A 41 6.21 -5.40 0.34
C MET A 41 6.11 -6.71 1.09
N GLU A 42 7.02 -7.64 0.77
CA GLU A 42 6.99 -8.96 1.33
C GLU A 42 7.60 -8.93 2.69
N GLN A 43 7.07 -9.79 3.58
CA GLN A 43 7.49 -9.86 4.95
C GLN A 43 8.58 -10.87 5.09
N THR A 44 8.65 -11.82 4.13
CA THR A 44 9.64 -12.87 4.16
C THR A 44 10.94 -12.34 3.65
N TRP A 45 10.89 -11.43 2.65
CA TRP A 45 12.08 -10.77 2.18
C TRP A 45 12.37 -9.62 3.15
ZN ZN B . -0.92 1.72 0.76
ZN ZN C . -1.80 0.90 -1.58
N ILE A 5 8.70 -6.10 10.58
CA ILE A 5 8.09 -4.76 10.54
C ILE A 5 6.74 -4.92 9.88
N PRO A 6 5.75 -4.08 10.09
CA PRO A 6 4.50 -4.14 9.36
C PRO A 6 4.80 -3.54 8.02
N LEU A 7 4.27 -4.15 6.94
CA LEU A 7 4.64 -3.78 5.61
C LEU A 7 3.86 -2.61 5.13
N SER A 8 4.47 -1.89 4.17
CA SER A 8 3.87 -0.74 3.58
C SER A 8 3.98 -0.96 2.12
N CYS A 9 2.99 -0.41 1.36
CA CYS A 9 2.92 -0.59 -0.04
C CYS A 9 3.77 0.45 -0.68
N THR A 10 3.93 0.33 -2.02
CA THR A 10 4.94 1.03 -2.76
C THR A 10 4.70 2.51 -2.85
N ILE A 11 3.42 2.94 -2.75
CA ILE A 11 3.07 4.32 -2.88
C ILE A 11 2.98 4.92 -1.53
N CYS A 12 2.50 4.16 -0.52
CA CYS A 12 2.32 4.70 0.81
C CYS A 12 3.64 4.92 1.48
N ARG A 13 4.69 4.18 1.06
CA ARG A 13 6.02 4.35 1.57
C ARG A 13 6.70 5.50 0.89
N LYS A 14 6.25 5.85 -0.33
CA LYS A 14 6.83 6.90 -1.13
C LYS A 14 6.35 8.24 -0.64
N ARG A 15 5.03 8.37 -0.37
CA ARG A 15 4.43 9.58 0.08
C ARG A 15 4.70 9.76 1.53
N LYS A 16 4.75 8.63 2.26
CA LYS A 16 4.89 8.54 3.69
C LYS A 16 3.58 8.92 4.29
N VAL A 17 2.54 8.15 3.91
CA VAL A 17 1.25 8.19 4.50
C VAL A 17 1.19 6.85 5.11
N LYS A 18 0.18 6.61 5.98
CA LYS A 18 0.08 5.33 6.58
C LYS A 18 -0.58 4.38 5.63
N CYS A 19 0.14 3.26 5.37
CA CYS A 19 -0.39 2.10 4.72
C CYS A 19 -1.39 1.40 5.59
N ASP A 20 -2.24 0.54 4.98
CA ASP A 20 -3.49 0.19 5.62
C ASP A 20 -3.53 -1.28 5.75
N LYS A 21 -3.08 -1.98 4.68
CA LYS A 21 -2.93 -3.41 4.62
C LYS A 21 -4.28 -4.05 4.52
N LEU A 22 -5.21 -3.40 3.77
CA LEU A 22 -6.51 -3.97 3.55
C LEU A 22 -6.34 -4.85 2.38
N ARG A 23 -7.06 -5.98 2.35
CA ARG A 23 -6.92 -6.89 1.24
C ARG A 23 -8.03 -6.55 0.29
N PRO A 24 -7.87 -6.49 -1.01
CA PRO A 24 -6.64 -6.68 -1.75
C PRO A 24 -5.83 -5.41 -1.68
N HIS A 25 -6.44 -4.22 -1.92
CA HIS A 25 -5.72 -2.97 -1.96
C HIS A 25 -6.19 -2.14 -0.81
N CYS A 26 -5.40 -1.08 -0.48
CA CYS A 26 -5.62 -0.24 0.67
C CYS A 26 -6.75 0.71 0.46
N GLN A 27 -7.06 1.47 1.54
CA GLN A 27 -8.01 2.55 1.54
C GLN A 27 -7.50 3.74 0.79
N GLN A 28 -6.16 3.85 0.65
CA GLN A 28 -5.50 4.87 -0.12
C GLN A 28 -5.79 4.59 -1.56
N CYS A 29 -5.34 3.41 -2.05
CA CYS A 29 -5.45 2.94 -3.38
C CYS A 29 -6.83 2.57 -3.87
N THR A 30 -7.85 2.50 -2.97
CA THR A 30 -9.24 2.42 -3.36
C THR A 30 -9.62 3.72 -3.98
N LYS A 31 -9.36 4.82 -3.23
CA LYS A 31 -9.88 6.12 -3.56
C LYS A 31 -9.03 6.81 -4.59
N THR A 32 -7.78 6.34 -4.76
CA THR A 32 -6.92 6.80 -5.81
C THR A 32 -7.35 6.12 -7.06
N GLY A 33 -7.38 4.76 -7.04
CA GLY A 33 -7.67 3.98 -8.20
C GLY A 33 -6.37 3.52 -8.75
N VAL A 34 -5.40 3.30 -7.83
CA VAL A 34 -4.09 2.80 -8.10
C VAL A 34 -4.09 1.51 -7.33
N ALA A 35 -5.23 0.79 -7.33
CA ALA A 35 -5.34 -0.46 -6.61
C ALA A 35 -4.51 -1.51 -7.26
N HIS A 36 -4.40 -1.38 -8.60
CA HIS A 36 -3.50 -2.12 -9.41
C HIS A 36 -2.07 -1.82 -9.09
N LEU A 37 -1.82 -0.58 -8.65
CA LEU A 37 -0.51 -0.10 -8.35
C LEU A 37 -0.16 -0.39 -6.93
N CYS A 38 -1.12 -1.04 -6.23
CA CYS A 38 -0.96 -1.35 -4.84
C CYS A 38 -0.39 -2.71 -4.68
N HIS A 39 0.81 -2.79 -4.07
CA HIS A 39 1.39 -4.05 -3.72
C HIS A 39 2.19 -3.84 -2.49
N TYR A 40 2.03 -4.72 -1.48
CA TYR A 40 2.78 -4.60 -0.25
C TYR A 40 4.02 -5.39 -0.47
N MET A 41 5.16 -4.77 -0.12
CA MET A 41 6.45 -5.33 -0.40
C MET A 41 7.23 -5.26 0.85
N GLU A 42 8.28 -6.11 0.93
CA GLU A 42 9.08 -6.26 2.11
C GLU A 42 10.01 -5.11 2.26
N GLN A 43 10.51 -4.94 3.49
CA GLN A 43 11.63 -4.08 3.75
C GLN A 43 12.82 -4.87 3.31
N THR A 44 13.39 -4.46 2.16
CA THR A 44 14.45 -5.20 1.53
C THR A 44 15.72 -4.82 2.20
N TRP A 45 16.46 -5.86 2.62
CA TRP A 45 17.57 -5.73 3.51
C TRP A 45 18.84 -5.43 2.71
ZN ZN B . -0.86 1.29 1.27
ZN ZN C . -1.71 0.71 -1.30
N ILE A 5 7.53 -5.01 10.89
CA ILE A 5 6.81 -6.31 10.71
C ILE A 5 5.64 -6.14 9.79
N PRO A 6 4.76 -5.13 9.90
CA PRO A 6 3.79 -4.87 8.86
C PRO A 6 4.54 -4.26 7.72
N LEU A 7 4.21 -4.68 6.48
CA LEU A 7 4.76 -4.09 5.30
C LEU A 7 3.98 -2.87 4.96
N SER A 8 4.57 -2.04 4.08
CA SER A 8 3.91 -0.88 3.57
C SER A 8 3.95 -1.04 2.10
N CYS A 9 3.01 -0.36 1.41
CA CYS A 9 2.94 -0.39 -0.01
C CYS A 9 4.01 0.48 -0.57
N THR A 10 4.20 0.35 -1.90
CA THR A 10 5.14 1.13 -2.64
C THR A 10 4.61 2.52 -2.79
N ILE A 11 3.26 2.65 -2.84
CA ILE A 11 2.61 3.91 -2.95
C ILE A 11 2.53 4.58 -1.62
N CYS A 12 2.33 3.80 -0.53
CA CYS A 12 2.15 4.35 0.79
C CYS A 12 3.46 4.76 1.36
N ARG A 13 4.57 4.19 0.83
CA ARG A 13 5.91 4.59 1.17
C ARG A 13 6.28 5.83 0.40
N LYS A 14 5.62 6.06 -0.77
CA LYS A 14 5.91 7.20 -1.61
C LYS A 14 5.36 8.44 -0.98
N ARG A 15 4.07 8.41 -0.54
CA ARG A 15 3.47 9.59 0.03
C ARG A 15 3.92 9.74 1.45
N LYS A 16 4.17 8.59 2.13
CA LYS A 16 4.51 8.48 3.52
C LYS A 16 3.24 8.74 4.28
N VAL A 17 2.42 7.68 4.31
CA VAL A 17 1.15 7.65 4.93
C VAL A 17 1.16 6.30 5.55
N LYS A 18 0.20 6.03 6.45
CA LYS A 18 0.11 4.75 7.07
C LYS A 18 -0.58 3.82 6.13
N CYS A 19 0.12 2.71 5.83
CA CYS A 19 -0.37 1.60 5.07
C CYS A 19 -1.41 0.85 5.85
N ASP A 20 -2.26 0.07 5.14
CA ASP A 20 -3.50 -0.36 5.74
C ASP A 20 -3.55 -1.83 5.80
N LYS A 21 -3.38 -2.49 4.64
CA LYS A 21 -3.65 -3.89 4.42
C LYS A 21 -5.07 -4.20 4.75
N LEU A 22 -5.99 -3.66 3.94
CA LEU A 22 -7.38 -4.01 4.03
C LEU A 22 -7.52 -5.28 3.27
N ARG A 23 -6.82 -5.32 2.09
CA ARG A 23 -6.58 -6.46 1.25
C ARG A 23 -7.65 -6.46 0.18
N PRO A 24 -7.38 -6.54 -1.13
CA PRO A 24 -6.08 -6.57 -1.75
C PRO A 24 -5.53 -5.18 -1.72
N HIS A 25 -6.38 -4.16 -1.94
CA HIS A 25 -5.95 -2.80 -2.01
C HIS A 25 -6.35 -2.11 -0.75
N CYS A 26 -5.52 -1.13 -0.34
CA CYS A 26 -5.73 -0.29 0.80
C CYS A 26 -6.79 0.73 0.58
N GLN A 27 -7.01 1.54 1.62
CA GLN A 27 -7.94 2.64 1.59
C GLN A 27 -7.31 3.82 0.91
N GLN A 28 -5.97 3.78 0.77
CA GLN A 28 -5.20 4.77 0.09
C GLN A 28 -5.37 4.54 -1.39
N CYS A 29 -5.06 3.30 -1.85
CA CYS A 29 -5.07 2.84 -3.19
C CYS A 29 -6.40 2.71 -3.85
N THR A 30 -7.53 2.53 -3.10
CA THR A 30 -8.83 2.55 -3.73
C THR A 30 -9.18 3.98 -4.07
N LYS A 31 -8.78 4.93 -3.20
CA LYS A 31 -9.12 6.32 -3.34
C LYS A 31 -8.40 6.96 -4.49
N THR A 32 -7.09 6.67 -4.67
CA THR A 32 -6.34 7.32 -5.71
C THR A 32 -6.50 6.58 -7.01
N GLY A 33 -6.71 5.24 -6.94
CA GLY A 33 -6.85 4.45 -8.13
C GLY A 33 -5.47 4.01 -8.54
N VAL A 34 -4.86 3.19 -7.67
CA VAL A 34 -3.55 2.62 -7.84
C VAL A 34 -3.81 1.33 -7.11
N ALA A 35 -5.07 0.85 -7.18
CA ALA A 35 -5.42 -0.35 -6.49
C ALA A 35 -4.82 -1.50 -7.23
N HIS A 36 -4.75 -1.31 -8.55
CA HIS A 36 -4.02 -2.14 -9.44
C HIS A 36 -2.57 -2.11 -9.20
N LEU A 37 -2.07 -0.96 -8.70
CA LEU A 37 -0.68 -0.74 -8.49
C LEU A 37 -0.32 -1.19 -7.12
N CYS A 38 -1.34 -1.63 -6.36
CA CYS A 38 -1.17 -1.89 -4.95
C CYS A 38 -0.49 -3.20 -4.76
N HIS A 39 0.72 -3.13 -4.20
CA HIS A 39 1.45 -4.30 -3.81
C HIS A 39 2.12 -3.90 -2.54
N TYR A 40 2.17 -4.82 -1.56
CA TYR A 40 2.90 -4.58 -0.35
C TYR A 40 4.26 -5.11 -0.61
N MET A 41 5.26 -4.27 -0.34
CA MET A 41 6.63 -4.55 -0.70
C MET A 41 7.45 -4.51 0.53
N GLU A 42 8.65 -5.13 0.45
CA GLU A 42 9.61 -5.08 1.51
C GLU A 42 10.20 -3.70 1.49
N GLN A 43 10.47 -3.16 2.69
CA GLN A 43 10.98 -1.83 2.82
C GLN A 43 12.47 -1.91 2.93
N THR A 44 13.12 -2.11 1.76
CA THR A 44 14.51 -2.41 1.66
C THR A 44 15.00 -1.56 0.54
N TRP A 45 14.07 -1.22 -0.38
CA TRP A 45 14.42 -0.62 -1.64
C TRP A 45 14.81 0.85 -1.47
ZN ZN B . -1.01 0.81 1.82
ZN ZN C . -1.93 -0.28 -1.09
N ILE A 5 10.99 -4.56 8.79
CA ILE A 5 10.38 -3.32 8.26
C ILE A 5 8.88 -3.54 8.28
N PRO A 6 8.06 -2.52 8.51
CA PRO A 6 6.63 -2.67 8.51
C PRO A 6 6.20 -2.76 7.08
N LEU A 7 5.22 -3.66 6.79
CA LEU A 7 4.66 -3.84 5.50
C LEU A 7 3.95 -2.62 5.04
N SER A 8 4.24 -2.25 3.79
CA SER A 8 3.78 -1.01 3.27
C SER A 8 3.80 -1.09 1.79
N CYS A 9 2.98 -0.24 1.14
CA CYS A 9 2.89 -0.21 -0.30
C CYS A 9 4.02 0.57 -0.84
N THR A 10 4.10 0.56 -2.19
CA THR A 10 5.15 1.19 -2.92
C THR A 10 4.86 2.66 -3.05
N ILE A 11 3.57 3.05 -2.89
CA ILE A 11 3.19 4.43 -2.89
C ILE A 11 3.03 4.91 -1.50
N CYS A 12 2.61 4.02 -0.58
CA CYS A 12 2.32 4.42 0.77
C CYS A 12 3.60 4.79 1.47
N ARG A 13 4.71 4.06 1.19
CA ARG A 13 5.99 4.40 1.75
C ARG A 13 6.67 5.50 0.97
N LYS A 14 6.21 5.80 -0.27
CA LYS A 14 6.78 6.82 -1.09
C LYS A 14 6.43 8.17 -0.54
N ARG A 15 5.12 8.41 -0.29
CA ARG A 15 4.68 9.68 0.21
C ARG A 15 4.90 9.74 1.69
N LYS A 16 4.91 8.56 2.35
CA LYS A 16 5.16 8.37 3.76
C LYS A 16 3.89 8.72 4.47
N VAL A 17 2.84 7.97 4.09
CA VAL A 17 1.52 8.06 4.61
C VAL A 17 1.33 6.68 5.14
N LYS A 18 0.26 6.49 5.93
CA LYS A 18 0.03 5.22 6.54
C LYS A 18 -0.59 4.28 5.56
N CYS A 19 0.15 3.18 5.33
CA CYS A 19 -0.32 2.01 4.66
C CYS A 19 -1.32 1.31 5.54
N ASP A 20 -2.20 0.49 4.92
CA ASP A 20 -3.34 -0.01 5.62
C ASP A 20 -3.12 -1.46 5.77
N LYS A 21 -2.88 -2.12 4.61
CA LYS A 21 -2.68 -3.54 4.49
C LYS A 21 -4.02 -4.20 4.71
N LEU A 22 -5.07 -3.57 4.17
CA LEU A 22 -6.40 -4.11 4.23
C LEU A 22 -6.53 -4.82 2.93
N ARG A 23 -7.19 -6.00 2.94
CA ARG A 23 -7.24 -6.83 1.79
C ARG A 23 -8.41 -6.42 0.93
N PRO A 24 -8.35 -6.38 -0.39
CA PRO A 24 -7.21 -6.68 -1.20
C PRO A 24 -6.32 -5.46 -1.25
N HIS A 25 -6.89 -4.26 -1.52
CA HIS A 25 -6.12 -3.07 -1.71
C HIS A 25 -6.52 -2.12 -0.63
N CYS A 26 -5.68 -1.09 -0.38
CA CYS A 26 -5.84 -0.19 0.73
C CYS A 26 -6.92 0.81 0.52
N GLN A 27 -7.11 1.65 1.55
CA GLN A 27 -7.97 2.81 1.46
C GLN A 27 -7.40 3.89 0.61
N GLN A 28 -6.08 3.85 0.31
CA GLN A 28 -5.45 4.80 -0.55
C GLN A 28 -5.74 4.45 -1.97
N CYS A 29 -5.24 3.30 -2.45
CA CYS A 29 -5.34 2.74 -3.75
C CYS A 29 -6.72 2.44 -4.24
N THR A 30 -7.66 2.07 -3.36
CA THR A 30 -9.03 1.82 -3.78
C THR A 30 -9.70 3.13 -4.06
N LYS A 31 -9.40 4.16 -3.24
CA LYS A 31 -10.02 5.45 -3.32
C LYS A 31 -9.61 6.21 -4.54
N THR A 32 -8.30 6.22 -4.89
CA THR A 32 -7.84 7.06 -5.95
C THR A 32 -7.89 6.30 -7.25
N GLY A 33 -7.87 4.95 -7.17
CA GLY A 33 -8.02 4.13 -8.33
C GLY A 33 -6.67 3.86 -8.86
N VAL A 34 -5.78 3.42 -7.94
CA VAL A 34 -4.43 3.09 -8.25
C VAL A 34 -4.17 1.78 -7.58
N ALA A 35 -5.14 0.84 -7.70
CA ALA A 35 -5.03 -0.45 -7.08
C ALA A 35 -4.04 -1.31 -7.82
N HIS A 36 -3.69 -0.91 -9.06
CA HIS A 36 -2.59 -1.47 -9.80
C HIS A 36 -1.27 -1.19 -9.16
N LEU A 37 -1.16 -0.02 -8.50
CA LEU A 37 0.01 0.38 -7.77
C LEU A 37 0.08 -0.25 -6.42
N CYS A 38 -0.99 -0.97 -6.07
CA CYS A 38 -1.13 -1.53 -4.75
C CYS A 38 -0.45 -2.84 -4.68
N HIS A 39 0.76 -2.85 -4.10
CA HIS A 39 1.43 -4.07 -3.77
C HIS A 39 2.21 -3.74 -2.56
N TYR A 40 2.16 -4.63 -1.56
CA TYR A 40 2.94 -4.46 -0.37
C TYR A 40 4.19 -5.21 -0.64
N MET A 41 5.33 -4.68 -0.13
CA MET A 41 6.63 -5.26 -0.31
C MET A 41 6.72 -6.58 0.39
N GLU A 42 6.90 -7.67 -0.39
CA GLU A 42 6.90 -9.00 0.15
C GLU A 42 8.20 -9.28 0.80
N GLN A 43 8.15 -9.57 2.12
CA GLN A 43 9.30 -9.86 2.92
C GLN A 43 9.12 -11.24 3.48
N THR A 44 8.42 -12.10 2.70
CA THR A 44 8.25 -13.49 3.06
C THR A 44 9.43 -14.23 2.51
N TRP A 45 9.99 -13.72 1.41
CA TRP A 45 11.14 -14.30 0.78
C TRP A 45 12.37 -13.90 1.58
ZN ZN B . -0.95 0.75 1.28
ZN ZN C . -2.06 -0.01 -1.38
N ILE A 5 7.03 -3.14 11.38
CA ILE A 5 6.40 -4.48 11.33
C ILE A 5 5.15 -4.50 10.48
N PRO A 6 4.23 -3.54 10.52
CA PRO A 6 3.17 -3.47 9.55
C PRO A 6 3.79 -3.01 8.26
N LEU A 7 3.41 -3.67 7.14
CA LEU A 7 3.87 -3.27 5.84
C LEU A 7 2.98 -2.20 5.32
N SER A 8 3.56 -1.39 4.44
CA SER A 8 2.86 -0.37 3.72
C SER A 8 3.02 -0.74 2.30
N CYS A 9 2.30 -0.02 1.42
CA CYS A 9 2.39 -0.24 0.01
C CYS A 9 3.60 0.47 -0.48
N THR A 10 4.00 0.17 -1.74
CA THR A 10 5.18 0.71 -2.33
C THR A 10 5.00 2.18 -2.64
N ILE A 11 3.79 2.58 -3.06
CA ILE A 11 3.50 3.96 -3.32
C ILE A 11 3.27 4.70 -2.06
N CYS A 12 2.63 4.05 -1.06
CA CYS A 12 2.25 4.68 0.17
C CYS A 12 3.40 4.93 1.08
N ARG A 13 4.52 4.19 0.90
CA ARG A 13 5.71 4.40 1.65
C ARG A 13 6.52 5.48 0.99
N LYS A 14 6.26 5.75 -0.32
CA LYS A 14 6.96 6.75 -1.06
C LYS A 14 6.45 8.11 -0.67
N ARG A 15 5.10 8.29 -0.57
CA ARG A 15 4.54 9.55 -0.18
C ARG A 15 4.67 9.72 1.30
N LYS A 16 4.56 8.59 2.02
CA LYS A 16 4.50 8.49 3.45
C LYS A 16 3.16 8.95 3.91
N VAL A 17 2.20 8.03 3.78
CA VAL A 17 0.88 8.14 4.30
C VAL A 17 0.76 6.85 5.02
N LYS A 18 -0.20 6.75 5.95
CA LYS A 18 -0.41 5.52 6.65
C LYS A 18 -1.22 4.61 5.79
N CYS A 19 -0.62 3.44 5.53
CA CYS A 19 -1.23 2.36 4.80
C CYS A 19 -2.04 1.52 5.76
N ASP A 20 -2.68 0.45 5.25
CA ASP A 20 -3.75 -0.19 5.95
C ASP A 20 -3.56 -1.66 5.89
N LYS A 21 -3.26 -2.16 4.67
CA LYS A 21 -3.33 -3.54 4.25
C LYS A 21 -4.61 -4.19 4.67
N LEU A 22 -5.68 -3.80 3.94
CA LEU A 22 -6.97 -4.40 4.09
C LEU A 22 -6.98 -5.58 3.21
N ARG A 23 -6.24 -5.41 2.08
CA ARG A 23 -5.94 -6.34 1.03
C ARG A 23 -7.14 -6.63 0.15
N PRO A 24 -7.06 -6.68 -1.18
CA PRO A 24 -5.87 -6.56 -1.99
C PRO A 24 -5.55 -5.10 -2.13
N HIS A 25 -6.57 -4.22 -2.10
CA HIS A 25 -6.39 -2.80 -2.15
C HIS A 25 -6.54 -2.30 -0.75
N CYS A 26 -5.86 -1.17 -0.47
CA CYS A 26 -5.97 -0.53 0.81
C CYS A 26 -6.82 0.67 0.60
N GLN A 27 -7.10 1.42 1.68
CA GLN A 27 -7.97 2.58 1.65
C GLN A 27 -7.40 3.76 0.92
N GLN A 28 -6.06 3.83 0.78
CA GLN A 28 -5.40 4.84 0.01
C GLN A 28 -5.66 4.64 -1.46
N CYS A 29 -5.27 3.47 -2.03
CA CYS A 29 -5.44 3.21 -3.40
C CYS A 29 -6.78 2.70 -3.84
N THR A 30 -7.77 2.58 -2.93
CA THR A 30 -9.13 2.47 -3.37
C THR A 30 -9.55 3.85 -3.77
N LYS A 31 -9.07 4.87 -3.02
CA LYS A 31 -9.42 6.24 -3.21
C LYS A 31 -8.79 6.87 -4.43
N THR A 32 -7.48 6.61 -4.71
CA THR A 32 -6.89 7.20 -5.88
C THR A 32 -7.12 6.27 -7.02
N GLY A 33 -7.24 4.95 -6.73
CA GLY A 33 -7.57 3.99 -7.74
C GLY A 33 -6.29 3.43 -8.23
N VAL A 34 -5.33 3.20 -7.29
CA VAL A 34 -4.09 2.55 -7.60
C VAL A 34 -4.11 1.26 -7.00
N ALA A 35 -5.20 0.54 -7.24
CA ALA A 35 -5.26 -0.73 -6.64
C ALA A 35 -4.39 -1.59 -7.55
N HIS A 36 -4.21 -1.12 -8.82
CA HIS A 36 -3.31 -1.60 -9.81
C HIS A 36 -1.90 -1.43 -9.34
N LEU A 37 -1.56 -0.26 -8.74
CA LEU A 37 -0.22 -0.15 -8.17
C LEU A 37 -0.14 -0.61 -6.76
N CYS A 38 -1.23 -1.21 -6.27
CA CYS A 38 -1.31 -1.61 -4.89
C CYS A 38 -0.71 -2.96 -4.71
N HIS A 39 0.52 -2.97 -4.16
CA HIS A 39 1.17 -4.17 -3.76
C HIS A 39 1.84 -3.78 -2.51
N TYR A 40 1.88 -4.69 -1.51
CA TYR A 40 2.57 -4.39 -0.29
C TYR A 40 3.79 -5.21 -0.32
N MET A 41 4.93 -4.56 -0.09
CA MET A 41 6.18 -5.23 -0.12
C MET A 41 7.20 -4.46 0.65
N GLU A 42 7.76 -5.16 1.66
CA GLU A 42 9.04 -4.95 2.28
C GLU A 42 9.28 -3.61 2.93
N GLN A 43 9.51 -3.67 4.26
CA GLN A 43 9.89 -2.53 5.03
C GLN A 43 11.37 -2.33 4.89
N THR A 44 12.14 -3.31 5.42
CA THR A 44 13.57 -3.23 5.48
C THR A 44 14.13 -3.95 4.30
N TRP A 45 14.61 -3.16 3.30
CA TRP A 45 15.16 -3.74 2.11
C TRP A 45 16.59 -4.17 2.40
ZN ZN B . -1.65 1.87 0.97
ZN ZN C . -2.37 0.27 -1.40
N ILE A 5 0.38 -0.77 11.41
CA ILE A 5 1.80 -0.50 11.68
C ILE A 5 2.72 -1.40 10.87
N PRO A 6 2.54 -2.73 10.73
CA PRO A 6 3.41 -3.50 9.87
C PRO A 6 3.02 -3.24 8.45
N LEU A 7 4.04 -2.92 7.61
CA LEU A 7 3.96 -2.80 6.18
C LEU A 7 3.20 -1.60 5.68
N SER A 8 3.45 -1.30 4.39
CA SER A 8 2.93 -0.16 3.72
C SER A 8 3.20 -0.50 2.30
N CYS A 9 2.47 0.13 1.34
CA CYS A 9 2.63 -0.19 -0.05
C CYS A 9 3.83 0.49 -0.64
N THR A 10 4.02 0.27 -1.95
CA THR A 10 5.19 0.69 -2.68
C THR A 10 5.22 2.17 -2.90
N ILE A 11 4.06 2.81 -3.17
CA ILE A 11 4.04 4.24 -3.32
C ILE A 11 3.86 4.85 -1.97
N CYS A 12 3.09 4.17 -1.08
CA CYS A 12 2.67 4.75 0.17
C CYS A 12 3.77 4.84 1.19
N ARG A 13 4.86 4.08 1.01
CA ARG A 13 6.02 4.19 1.85
C ARG A 13 6.80 5.41 1.44
N LYS A 14 6.79 5.74 0.12
CA LYS A 14 7.50 6.87 -0.40
C LYS A 14 6.90 8.19 -0.02
N ARG A 15 5.55 8.30 -0.05
CA ARG A 15 4.86 9.50 0.32
C ARG A 15 4.80 9.61 1.81
N LYS A 16 4.69 8.44 2.48
CA LYS A 16 4.59 8.27 3.90
C LYS A 16 3.22 8.69 4.32
N VAL A 17 2.22 8.04 3.70
CA VAL A 17 0.85 8.14 4.08
C VAL A 17 0.59 6.88 4.83
N LYS A 18 -0.54 6.83 5.56
CA LYS A 18 -0.85 5.69 6.38
C LYS A 18 -1.45 4.63 5.52
N CYS A 19 -0.65 3.58 5.26
CA CYS A 19 -1.08 2.41 4.57
C CYS A 19 -0.88 1.30 5.55
N ASP A 20 -1.32 0.06 5.22
CA ASP A 20 -1.35 -0.98 6.19
C ASP A 20 -1.14 -2.26 5.46
N LYS A 21 -2.23 -2.80 4.90
CA LYS A 21 -2.31 -4.16 4.45
C LYS A 21 -3.74 -4.51 4.15
N LEU A 22 -4.72 -3.72 4.68
CA LEU A 22 -6.14 -3.97 4.67
C LEU A 22 -6.66 -4.43 3.34
N ARG A 23 -7.51 -5.48 3.38
CA ARG A 23 -7.85 -6.23 2.20
C ARG A 23 -8.91 -5.52 1.40
N PRO A 24 -9.01 -5.70 0.09
CA PRO A 24 -8.05 -6.32 -0.79
C PRO A 24 -6.93 -5.34 -0.96
N HIS A 25 -7.20 -4.16 -1.56
CA HIS A 25 -6.23 -3.13 -1.73
C HIS A 25 -6.44 -2.20 -0.57
N CYS A 26 -5.49 -1.28 -0.36
CA CYS A 26 -5.48 -0.47 0.83
C CYS A 26 -6.45 0.65 0.71
N GLN A 27 -6.65 1.38 1.83
CA GLN A 27 -7.56 2.50 1.92
C GLN A 27 -7.35 3.61 0.93
N GLN A 28 -6.08 3.87 0.52
CA GLN A 28 -5.74 4.88 -0.42
C GLN A 28 -6.06 4.41 -1.83
N CYS A 29 -5.49 3.26 -2.25
CA CYS A 29 -5.58 2.84 -3.60
C CYS A 29 -6.83 2.15 -4.00
N THR A 30 -7.74 1.79 -3.07
CA THR A 30 -8.99 1.30 -3.55
C THR A 30 -9.75 2.51 -4.03
N LYS A 31 -9.58 3.63 -3.30
CA LYS A 31 -10.27 4.86 -3.53
C LYS A 31 -9.85 5.62 -4.74
N THR A 32 -8.53 5.74 -5.09
CA THR A 32 -8.20 6.49 -6.26
C THR A 32 -8.10 5.48 -7.38
N GLY A 33 -7.92 4.20 -7.02
CA GLY A 33 -8.03 3.14 -7.97
C GLY A 33 -6.65 2.89 -8.47
N VAL A 34 -5.66 2.96 -7.55
CA VAL A 34 -4.28 2.76 -7.88
C VAL A 34 -3.80 1.53 -7.33
N ALA A 35 -4.61 0.47 -7.35
CA ALA A 35 -4.18 -0.70 -6.67
C ALA A 35 -3.15 -1.35 -7.54
N HIS A 36 -3.26 -1.09 -8.87
CA HIS A 36 -2.35 -1.44 -9.90
C HIS A 36 -1.03 -0.81 -9.64
N LEU A 37 -1.03 0.49 -9.24
CA LEU A 37 0.24 1.10 -8.97
C LEU A 37 0.75 0.87 -7.60
N CYS A 38 -0.08 0.23 -6.78
CA CYS A 38 0.14 0.31 -5.34
C CYS A 38 -0.11 -1.01 -4.68
N HIS A 39 0.97 -1.82 -4.59
CA HIS A 39 0.93 -3.15 -4.07
C HIS A 39 1.78 -3.16 -2.84
N TYR A 40 1.57 -4.15 -1.93
CA TYR A 40 2.44 -4.32 -0.79
C TYR A 40 3.62 -5.11 -1.24
N MET A 41 4.68 -5.10 -0.42
CA MET A 41 5.89 -5.81 -0.72
C MET A 41 5.73 -7.25 -0.35
N GLU A 42 5.49 -8.09 -1.38
CA GLU A 42 5.26 -9.50 -1.20
C GLU A 42 6.45 -10.22 -1.73
N GLN A 43 6.65 -11.46 -1.26
CA GLN A 43 7.74 -12.28 -1.66
C GLN A 43 7.30 -13.18 -2.78
N THR A 44 5.97 -13.41 -2.88
CA THR A 44 5.42 -14.27 -3.89
C THR A 44 5.31 -13.52 -5.18
N TRP A 45 5.03 -12.20 -5.11
CA TRP A 45 5.10 -11.36 -6.28
C TRP A 45 6.57 -11.15 -6.58
ZN ZN B . -1.31 2.01 0.03
ZN ZN C . -2.02 0.96 -1.54
#